data_6KFQ
#
_entry.id   6KFQ
#
_cell.length_a   29.930
_cell.length_b   68.410
_cell.length_c   107.910
_cell.angle_alpha   90.000
_cell.angle_beta   90.000
_cell.angle_gamma   90.000
#
_symmetry.space_group_name_H-M   'P 21 21 21'
#
loop_
_entity.id
_entity.type
_entity.pdbx_description
1 polymer Rhodopsin
2 non-polymer '[(Z)-octadec-9-enyl] (2R)-2,3-bis(oxidanyl)propanoate'
3 non-polymer RETINAL
4 non-polymer 'SULFATE ION'
5 water water
#
_entity_poly.entity_id   1
_entity_poly.type   'polypeptide(L)'
_entity_poly.pdbx_seq_one_letter_code
;MEALWLWIGFVGMLLGTLYFAFLLTNAPEGTRYFFVITATITGIAAIAYLVMATGSGSTVLPDGREFYWARYIDWVITTP
LLLLDLCLLALADPRRNVTFIASLIALDVVMILTGLWAGATVNVAGRAILFIISTAAFIGVLYLLVSRLFAEASRRTPAV
AQIFRTLAVLTIVLWICYPIVWLIGTEGFGAVSLSVEVFLFMVLDLLAKVGFGLLLLSSRQALSDIGSGAVAGTARRVA
;
_entity_poly.pdbx_strand_id   A
#
loop_
_chem_comp.id
_chem_comp.type
_chem_comp.name
_chem_comp.formula
MPG non-polymer '[(Z)-octadec-9-enyl] (2R)-2,3-bis(oxidanyl)propanoate' 'C21 H40 O4'
RET non-polymer RETINAL 'C20 H28 O'
SO4 non-polymer 'SULFATE ION' 'O4 S -2'
#
# COMPACT_ATOMS: atom_id res chain seq x y z
N MET A 1 24.04 -1.84 5.48
CA MET A 1 23.49 -3.06 4.89
C MET A 1 22.08 -2.81 4.34
N GLU A 2 21.46 -1.70 4.74
CA GLU A 2 20.12 -1.40 4.22
C GLU A 2 20.13 -1.24 2.70
N ALA A 3 21.29 -0.92 2.11
CA ALA A 3 21.38 -0.84 0.65
C ALA A 3 20.94 -2.14 0.00
N LEU A 4 21.29 -3.28 0.60
CA LEU A 4 20.88 -4.56 0.03
C LEU A 4 19.37 -4.66 -0.05
N TRP A 5 18.67 -4.36 1.05
CA TRP A 5 17.21 -4.50 1.04
C TRP A 5 16.56 -3.51 0.08
N LEU A 6 17.15 -2.33 -0.10
CA LEU A 6 16.59 -1.37 -1.05
C LEU A 6 16.74 -1.85 -2.48
N TRP A 7 17.86 -2.51 -2.80
CA TRP A 7 18.03 -3.01 -4.16
C TRP A 7 17.11 -4.19 -4.44
N ILE A 8 16.93 -5.07 -3.45
CA ILE A 8 15.96 -6.16 -3.59
C ILE A 8 14.56 -5.59 -3.77
N GLY A 9 14.21 -4.58 -2.97
CA GLY A 9 12.92 -3.93 -3.15
C GLY A 9 12.73 -3.41 -4.55
N PHE A 10 13.75 -2.73 -5.08
CA PHE A 10 13.68 -2.23 -6.45
C PHE A 10 13.43 -3.35 -7.45
N VAL A 11 14.28 -4.38 -7.45
CA VAL A 11 14.15 -5.44 -8.43
C VAL A 11 12.82 -6.16 -8.27
N GLY A 12 12.41 -6.42 -7.03
CA GLY A 12 11.12 -7.06 -6.83
C GLY A 12 9.96 -6.26 -7.40
N MET A 13 9.94 -4.95 -7.15
CA MET A 13 8.88 -4.11 -7.68
C MET A 13 9.00 -3.99 -9.20
N LEU A 14 10.24 -3.91 -9.69
CA LEU A 14 10.43 -3.83 -11.14
C LEU A 14 9.91 -5.08 -11.81
N LEU A 15 10.30 -6.26 -11.32
CA LEU A 15 9.83 -7.50 -11.92
C LEU A 15 8.32 -7.62 -11.83
N GLY A 16 7.75 -7.23 -10.69
CA GLY A 16 6.30 -7.22 -10.59
C GLY A 16 5.65 -6.30 -11.60
N THR A 17 6.21 -5.10 -11.78
CA THR A 17 5.64 -4.15 -12.74
C THR A 17 5.67 -4.72 -14.15
N LEU A 18 6.81 -5.32 -14.54
CA LEU A 18 6.93 -5.88 -15.87
C LEU A 18 5.97 -7.04 -16.06
N TYR A 19 5.84 -7.90 -15.06
CA TYR A 19 4.91 -9.02 -15.18
C TYR A 19 3.47 -8.54 -15.27
N PHE A 20 3.10 -7.56 -14.45
CA PHE A 20 1.73 -7.05 -14.52
C PHE A 20 1.46 -6.37 -15.85
N ALA A 21 2.44 -5.65 -16.38
CA ALA A 21 2.28 -5.07 -17.71
C ALA A 21 2.09 -6.16 -18.75
N PHE A 22 2.77 -7.30 -18.57
CA PHE A 22 2.62 -8.41 -19.51
C PHE A 22 1.22 -9.03 -19.43
N LEU A 23 0.74 -9.31 -18.22
CA LEU A 23 -0.57 -9.95 -18.07
C LEU A 23 -1.69 -9.10 -18.68
N LEU A 24 -1.46 -7.79 -18.79
CA LEU A 24 -2.45 -6.90 -19.37
C LEU A 24 -2.84 -7.35 -20.77
N THR A 25 -1.89 -7.90 -21.52
CA THR A 25 -2.14 -8.25 -22.92
C THR A 25 -3.13 -9.41 -23.06
N ASN A 26 -3.40 -10.15 -21.98
CA ASN A 26 -4.43 -11.18 -21.97
C ASN A 26 -5.49 -10.88 -20.91
N ALA A 27 -5.67 -9.61 -20.58
CA ALA A 27 -6.65 -9.22 -19.58
C ALA A 27 -8.07 -9.50 -20.08
N PRO A 28 -8.96 -10.01 -19.24
CA PRO A 28 -10.37 -10.11 -19.65
C PRO A 28 -10.89 -8.74 -20.05
N GLU A 29 -11.83 -8.72 -20.99
CA GLU A 29 -12.28 -7.45 -21.51
C GLU A 29 -13.08 -6.69 -20.45
N GLY A 30 -12.99 -5.37 -20.51
CA GLY A 30 -13.56 -4.53 -19.49
C GLY A 30 -12.83 -4.55 -18.16
N THR A 31 -11.67 -5.22 -18.08
CA THR A 31 -10.93 -5.29 -16.83
C THR A 31 -9.52 -4.72 -16.92
N ARG A 32 -9.15 -4.16 -18.08
CA ARG A 32 -7.77 -3.73 -18.27
C ARG A 32 -7.36 -2.66 -17.25
N TYR A 33 -8.33 -1.91 -16.70
CA TYR A 33 -7.96 -0.86 -15.75
C TYR A 33 -7.41 -1.45 -14.46
N PHE A 34 -7.82 -2.65 -14.08
CA PHE A 34 -7.21 -3.30 -12.92
C PHE A 34 -5.72 -3.53 -13.14
N PHE A 35 -5.36 -4.05 -14.33
CA PHE A 35 -3.97 -4.32 -14.63
C PHE A 35 -3.15 -3.03 -14.67
N VAL A 36 -3.76 -1.95 -15.16
CA VAL A 36 -3.06 -0.67 -15.23
C VAL A 36 -2.83 -0.11 -13.83
N ILE A 37 -3.87 -0.12 -12.99
CA ILE A 37 -3.75 0.39 -11.63
C ILE A 37 -2.71 -0.41 -10.85
N THR A 38 -2.73 -1.73 -11.01
CA THR A 38 -1.86 -2.58 -10.20
C THR A 38 -0.41 -2.52 -10.66
N ALA A 39 -0.18 -2.34 -11.96
CA ALA A 39 1.17 -2.13 -12.47
C ALA A 39 1.71 -0.76 -12.07
N THR A 40 0.82 0.23 -11.93
CA THR A 40 1.24 1.56 -11.46
C THR A 40 1.65 1.51 -9.99
N ILE A 41 0.95 0.70 -9.19
CA ILE A 41 1.30 0.54 -7.79
C ILE A 41 2.75 0.04 -7.66
N THR A 42 3.09 -1.03 -8.38
CA THR A 42 4.44 -1.56 -8.28
C THR A 42 5.45 -0.66 -8.96
N GLY A 43 5.04 0.00 -10.05
CA GLY A 43 5.96 0.87 -10.77
C GLY A 43 6.39 2.07 -9.94
N ILE A 44 5.42 2.71 -9.27
CA ILE A 44 5.76 3.81 -8.37
C ILE A 44 6.66 3.32 -7.25
N ALA A 45 6.35 2.16 -6.69
CA ALA A 45 7.22 1.60 -5.65
C ALA A 45 8.61 1.30 -6.19
N ALA A 46 8.70 0.81 -7.43
CA ALA A 46 10.01 0.56 -8.03
C ALA A 46 10.82 1.85 -8.09
N ILE A 47 10.19 2.95 -8.48
CA ILE A 47 10.88 4.23 -8.57
C ILE A 47 11.35 4.69 -7.19
N ALA A 48 10.49 4.59 -6.18
CA ALA A 48 10.90 5.00 -4.84
C ALA A 48 12.07 4.18 -4.35
N TYR A 49 12.02 2.85 -4.55
CA TYR A 49 13.11 2.00 -4.11
C TYR A 49 14.41 2.30 -4.86
N LEU A 50 14.32 2.63 -6.15
CA LEU A 50 15.52 3.00 -6.89
C LEU A 50 16.11 4.29 -6.34
N VAL A 51 15.25 5.27 -6.07
CA VAL A 51 15.72 6.54 -5.48
C VAL A 51 16.43 6.27 -4.16
N MET A 52 15.80 5.52 -3.26
CA MET A 52 16.43 5.21 -1.99
C MET A 52 17.68 4.35 -2.16
N ALA A 53 17.65 3.39 -3.09
CA ALA A 53 18.79 2.50 -3.28
C ALA A 53 20.01 3.26 -3.78
N THR A 54 19.82 4.28 -4.59
CA THR A 54 20.94 5.08 -5.11
C THR A 54 21.32 6.23 -4.18
N GLY A 55 20.75 6.28 -2.97
CA GLY A 55 21.17 7.24 -1.98
C GLY A 55 20.46 8.57 -1.98
N SER A 56 19.38 8.72 -2.75
CA SER A 56 18.70 10.01 -2.90
C SER A 56 17.34 10.06 -2.22
N GLY A 57 17.03 9.10 -1.35
CA GLY A 57 15.69 9.06 -0.81
C GLY A 57 15.62 9.30 0.67
N SER A 58 16.68 9.87 1.25
CA SER A 58 16.75 10.04 2.69
C SER A 58 17.48 11.32 3.02
N THR A 59 17.29 11.76 4.26
CA THR A 59 18.04 12.88 4.81
C THR A 59 18.38 12.57 6.26
N VAL A 60 19.48 13.13 6.72
CA VAL A 60 19.84 13.05 8.14
C VAL A 60 19.17 14.21 8.85
N LEU A 61 18.33 13.89 9.82
CA LEU A 61 17.53 14.88 10.51
C LEU A 61 18.40 15.67 11.49
N PRO A 62 17.89 16.79 12.00
CA PRO A 62 18.68 17.54 12.99
C PRO A 62 19.05 16.76 14.24
N ASP A 63 18.31 15.70 14.58
CA ASP A 63 18.72 14.86 15.71
C ASP A 63 19.67 13.74 15.31
N GLY A 64 20.08 13.66 14.05
CA GLY A 64 21.02 12.66 13.61
C GLY A 64 20.39 11.37 13.09
N ARG A 65 19.08 11.21 13.20
CA ARG A 65 18.44 10.04 12.62
C ARG A 65 18.47 10.12 11.10
N GLU A 66 18.81 9.00 10.45
CA GLU A 66 18.63 8.92 9.01
C GLU A 66 17.17 8.59 8.73
N PHE A 67 16.53 9.42 7.92
CA PHE A 67 15.09 9.34 7.69
C PHE A 67 14.84 9.11 6.21
N TYR A 68 14.34 7.92 5.86
CA TYR A 68 13.96 7.58 4.49
C TYR A 68 12.56 8.11 4.20
N TRP A 69 12.49 9.35 3.75
CA TRP A 69 11.20 9.98 3.49
C TRP A 69 10.59 9.61 2.15
N ALA A 70 11.41 9.17 1.17
CA ALA A 70 10.87 8.80 -0.14
C ALA A 70 9.85 7.69 -0.01
N ARG A 71 10.04 6.82 0.98
CA ARG A 71 9.08 5.79 1.37
C ARG A 71 7.65 6.31 1.41
N TYR A 72 7.45 7.46 2.05
CA TYR A 72 6.12 7.99 2.23
C TYR A 72 5.53 8.59 0.96
N ILE A 73 6.38 9.02 0.03
CA ILE A 73 5.88 9.55 -1.24
C ILE A 73 5.32 8.41 -2.08
N ASP A 74 6.04 7.29 -2.12
CA ASP A 74 5.49 6.03 -2.60
C ASP A 74 4.12 5.78 -1.97
N TRP A 75 4.07 5.70 -0.64
CA TRP A 75 2.86 5.28 0.05
C TRP A 75 1.69 6.19 -0.24
N VAL A 76 1.91 7.51 -0.25
CA VAL A 76 0.80 8.44 -0.39
C VAL A 76 0.13 8.30 -1.74
N ILE A 77 0.83 7.73 -2.72
CA ILE A 77 0.26 7.45 -4.03
C ILE A 77 -0.27 6.03 -4.10
N THR A 78 0.52 5.06 -3.63
CA THR A 78 0.16 3.65 -3.86
C THR A 78 -0.87 3.12 -2.88
N THR A 79 -0.94 3.64 -1.64
CA THR A 79 -1.94 3.05 -0.77
C THR A 79 -3.36 3.48 -1.17
N PRO A 80 -3.59 4.71 -1.67
CA PRO A 80 -4.90 4.98 -2.27
C PRO A 80 -5.23 4.08 -3.44
N LEU A 81 -4.24 3.80 -4.30
CA LEU A 81 -4.47 2.94 -5.46
C LEU A 81 -4.80 1.52 -5.03
N LEU A 82 -4.16 1.03 -3.97
CA LEU A 82 -4.52 -0.28 -3.44
C LEU A 82 -5.96 -0.28 -2.94
N LEU A 83 -6.34 0.76 -2.19
CA LEU A 83 -7.73 0.85 -1.76
C LEU A 83 -8.66 0.95 -2.96
N LEU A 84 -8.25 1.69 -3.99
CA LEU A 84 -9.06 1.79 -5.20
C LEU A 84 -9.28 0.42 -5.84
N ASP A 85 -8.21 -0.36 -5.98
CA ASP A 85 -8.38 -1.75 -6.44
C ASP A 85 -9.45 -2.47 -5.62
N LEU A 86 -9.42 -2.31 -4.29
CA LEU A 86 -10.39 -3.00 -3.46
C LEU A 86 -11.79 -2.46 -3.68
N CYS A 87 -11.91 -1.13 -3.83
CA CYS A 87 -13.23 -0.54 -4.10
C CYS A 87 -13.81 -1.04 -5.43
N LEU A 88 -12.97 -1.12 -6.47
CA LEU A 88 -13.47 -1.53 -7.78
C LEU A 88 -13.87 -3.00 -7.79
N LEU A 89 -13.21 -3.84 -6.99
CA LEU A 89 -13.67 -5.22 -6.81
C LEU A 89 -15.03 -5.26 -6.13
N ALA A 90 -15.19 -4.53 -5.03
CA ALA A 90 -16.35 -4.69 -4.14
C ALA A 90 -17.60 -3.98 -4.66
N LEU A 91 -17.44 -2.82 -5.29
CA LEU A 91 -18.58 -1.97 -5.64
C LEU A 91 -19.02 -2.22 -7.08
N ALA A 92 -20.31 -2.53 -7.24
CA ALA A 92 -20.84 -2.86 -8.57
C ALA A 92 -20.92 -1.64 -9.46
N ASP A 93 -21.07 -0.44 -8.88
CA ASP A 93 -21.08 0.82 -9.64
C ASP A 93 -20.38 1.87 -8.81
N PRO A 94 -19.06 2.02 -8.96
CA PRO A 94 -18.33 2.99 -8.14
C PRO A 94 -18.71 4.44 -8.42
N ARG A 95 -19.30 4.73 -9.58
CA ARG A 95 -19.68 6.11 -9.89
C ARG A 95 -20.72 6.66 -8.93
N ARG A 96 -21.51 5.78 -8.30
CA ARG A 96 -22.47 6.20 -7.30
C ARG A 96 -21.92 6.19 -5.89
N ASN A 97 -20.65 5.82 -5.71
CA ASN A 97 -20.02 5.71 -4.40
C ASN A 97 -18.90 6.72 -4.21
N VAL A 98 -19.02 7.90 -4.83
CA VAL A 98 -17.94 8.88 -4.76
C VAL A 98 -17.65 9.28 -3.33
N THR A 99 -18.70 9.56 -2.55
CA THR A 99 -18.51 10.01 -1.18
C THR A 99 -17.74 8.99 -0.36
N PHE A 100 -18.10 7.71 -0.48
CA PHE A 100 -17.36 6.69 0.25
C PHE A 100 -15.92 6.62 -0.22
N ILE A 101 -15.71 6.57 -1.54
CA ILE A 101 -14.35 6.40 -2.08
C ILE A 101 -13.47 7.58 -1.71
N ALA A 102 -13.99 8.81 -1.87
CA ALA A 102 -13.20 9.98 -1.50
C ALA A 102 -12.93 9.99 0.00
N SER A 103 -13.90 9.57 0.81
CA SER A 103 -13.69 9.50 2.25
C SER A 103 -12.61 8.52 2.61
N LEU A 104 -12.67 7.31 2.03
CA LEU A 104 -11.66 6.31 2.30
C LEU A 104 -10.29 6.80 1.87
N ILE A 105 -10.19 7.38 0.67
CA ILE A 105 -8.89 7.80 0.17
C ILE A 105 -8.36 8.96 1.01
N ALA A 106 -9.22 9.92 1.35
CA ALA A 106 -8.78 11.06 2.14
C ALA A 106 -8.23 10.61 3.50
N LEU A 107 -8.94 9.70 4.16
CA LEU A 107 -8.44 9.14 5.42
C LEU A 107 -7.07 8.52 5.23
N ASP A 108 -6.90 7.75 4.16
CA ASP A 108 -5.63 7.09 3.90
C ASP A 108 -4.50 8.09 3.65
N VAL A 109 -4.79 9.17 2.92
CA VAL A 109 -3.77 10.17 2.66
C VAL A 109 -3.39 10.89 3.95
N VAL A 110 -4.37 11.18 4.81
CA VAL A 110 -4.09 11.78 6.11
C VAL A 110 -3.20 10.85 6.93
N MET A 111 -3.50 9.56 6.93
CA MET A 111 -2.67 8.59 7.62
C MET A 111 -1.21 8.68 7.17
N ILE A 112 -0.99 8.64 5.86
CA ILE A 112 0.39 8.60 5.35
C ILE A 112 1.09 9.91 5.64
N LEU A 113 0.44 11.04 5.31
CA LEU A 113 1.08 12.33 5.44
C LEU A 113 1.34 12.70 6.91
N THR A 114 0.45 12.29 7.82
CA THR A 114 0.74 12.54 9.23
C THR A 114 1.81 11.60 9.75
N GLY A 115 1.96 10.43 9.14
CA GLY A 115 3.05 9.55 9.50
C GLY A 115 4.40 10.07 9.01
N LEU A 116 4.41 10.65 7.81
CA LEU A 116 5.61 11.31 7.30
C LEU A 116 5.98 12.49 8.20
N TRP A 117 4.97 13.28 8.59
CA TRP A 117 5.20 14.41 9.49
C TRP A 117 5.74 13.92 10.83
N ALA A 118 5.18 12.84 11.36
CA ALA A 118 5.70 12.26 12.60
C ALA A 118 7.14 11.80 12.42
N GLY A 119 7.45 11.14 11.30
CA GLY A 119 8.80 10.65 11.09
C GLY A 119 9.82 11.78 10.98
N ALA A 120 9.45 12.87 10.32
CA ALA A 120 10.33 14.03 10.14
C ALA A 120 10.45 14.88 11.39
N THR A 121 9.61 14.66 12.39
CA THR A 121 9.58 15.53 13.57
C THR A 121 10.64 15.08 14.57
N VAL A 122 11.49 16.02 14.99
CA VAL A 122 12.54 15.71 15.95
C VAL A 122 11.98 15.75 17.37
N ASN A 123 11.12 16.71 17.67
CA ASN A 123 10.49 16.81 18.97
C ASN A 123 9.75 15.52 19.32
N VAL A 124 10.13 14.90 20.43
CA VAL A 124 9.62 13.57 20.76
C VAL A 124 8.13 13.61 21.08
N ALA A 125 7.65 14.70 21.68
CA ALA A 125 6.25 14.78 22.04
C ALA A 125 5.38 15.03 20.80
N GLY A 126 5.88 15.84 19.87
CA GLY A 126 5.14 16.02 18.63
C GLY A 126 5.10 14.77 17.80
N ARG A 127 6.17 13.96 17.85
CA ARG A 127 6.18 12.71 17.10
C ARG A 127 5.12 11.75 17.61
N ALA A 128 4.95 11.70 18.94
CA ALA A 128 4.00 10.78 19.54
C ALA A 128 2.57 11.15 19.19
N ILE A 129 2.22 12.43 19.34
CA ILE A 129 0.85 12.86 19.04
C ILE A 129 0.54 12.64 17.56
N LEU A 130 1.53 12.88 16.69
CA LEU A 130 1.30 12.67 15.26
C LEU A 130 1.17 11.19 14.91
N PHE A 131 1.89 10.32 15.62
CA PHE A 131 1.68 8.90 15.39
C PHE A 131 0.29 8.48 15.81
N ILE A 132 -0.24 9.07 16.88
CA ILE A 132 -1.60 8.73 17.30
C ILE A 132 -2.61 9.21 16.28
N ILE A 133 -2.46 10.45 15.81
CA ILE A 133 -3.37 10.95 14.77
C ILE A 133 -3.33 10.05 13.54
N SER A 134 -2.13 9.64 13.14
CA SER A 134 -2.00 8.77 11.97
C SER A 134 -2.72 7.43 12.20
N THR A 135 -2.49 6.83 13.38
CA THR A 135 -3.16 5.57 13.70
C THR A 135 -4.68 5.74 13.75
N ALA A 136 -5.17 6.89 14.22
CA ALA A 136 -6.60 7.16 14.21
C ALA A 136 -7.15 7.09 12.79
N ALA A 137 -6.47 7.76 11.84
CA ALA A 137 -6.90 7.70 10.45
C ALA A 137 -6.83 6.28 9.92
N PHE A 138 -5.79 5.54 10.29
CA PHE A 138 -5.67 4.13 9.91
C PHE A 138 -6.87 3.34 10.39
N ILE A 139 -7.29 3.55 11.63
CA ILE A 139 -8.46 2.84 12.12
C ILE A 139 -9.70 3.22 11.30
N GLY A 140 -9.79 4.49 10.89
CA GLY A 140 -10.85 4.87 9.95
C GLY A 140 -10.81 4.07 8.67
N VAL A 141 -9.63 3.92 8.07
CA VAL A 141 -9.50 3.12 6.84
C VAL A 141 -9.99 1.70 7.06
N LEU A 142 -9.48 1.04 8.10
CA LEU A 142 -9.86 -0.35 8.35
C LEU A 142 -11.36 -0.46 8.56
N TYR A 143 -11.93 0.51 9.28
CA TYR A 143 -13.35 0.49 9.58
C TYR A 143 -14.19 0.63 8.32
N LEU A 144 -13.83 1.56 7.43
CA LEU A 144 -14.60 1.69 6.20
C LEU A 144 -14.46 0.44 5.36
N LEU A 145 -13.26 -0.13 5.35
CA LEU A 145 -13.04 -1.36 4.60
C LEU A 145 -13.91 -2.49 5.14
N VAL A 146 -13.97 -2.64 6.46
CA VAL A 146 -14.65 -3.79 7.04
C VAL A 146 -16.16 -3.58 7.06
N SER A 147 -16.61 -2.38 7.43
CA SER A 147 -18.04 -2.16 7.62
C SER A 147 -18.78 -1.99 6.30
N ARG A 148 -18.12 -1.48 5.27
CA ARG A 148 -18.78 -1.18 3.99
C ARG A 148 -18.40 -2.15 2.88
N LEU A 149 -17.10 -2.33 2.62
CA LEU A 149 -16.72 -3.05 1.41
C LEU A 149 -16.95 -4.55 1.53
N PHE A 150 -16.80 -5.14 2.73
CA PHE A 150 -17.11 -6.56 2.87
C PHE A 150 -18.58 -6.82 2.58
N ALA A 151 -19.45 -5.90 3.00
CA ALA A 151 -20.87 -6.06 2.72
C ALA A 151 -21.15 -5.90 1.23
N GLU A 152 -20.53 -4.89 0.60
CA GLU A 152 -20.72 -4.69 -0.83
C GLU A 152 -20.25 -5.90 -1.62
N ALA A 153 -19.06 -6.42 -1.29
CA ALA A 153 -18.50 -7.52 -2.05
C ALA A 153 -19.34 -8.79 -1.94
N SER A 154 -20.10 -8.95 -0.85
CA SER A 154 -20.92 -10.13 -0.71
C SER A 154 -22.10 -10.15 -1.69
N ARG A 155 -22.38 -9.03 -2.35
CA ARG A 155 -23.41 -8.98 -3.39
C ARG A 155 -22.84 -9.20 -4.78
N ARG A 156 -21.53 -9.30 -4.92
CA ARG A 156 -20.90 -9.58 -6.19
C ARG A 156 -20.92 -11.07 -6.45
N THR A 157 -20.39 -11.48 -7.60
CA THR A 157 -20.37 -12.90 -7.93
C THR A 157 -19.49 -13.65 -6.95
N PRO A 158 -19.71 -14.97 -6.78
CA PRO A 158 -18.88 -15.72 -5.84
C PRO A 158 -17.38 -15.57 -6.06
N ALA A 159 -16.92 -15.49 -7.32
CA ALA A 159 -15.49 -15.37 -7.56
C ALA A 159 -14.97 -13.99 -7.16
N VAL A 160 -15.75 -12.94 -7.43
CA VAL A 160 -15.36 -11.61 -7.01
C VAL A 160 -15.34 -11.52 -5.49
N ALA A 161 -16.39 -12.02 -4.84
CA ALA A 161 -16.43 -12.00 -3.38
C ALA A 161 -15.22 -12.73 -2.80
N GLN A 162 -14.79 -13.82 -3.44
CA GLN A 162 -13.71 -14.63 -2.90
C GLN A 162 -12.36 -13.90 -3.01
N ILE A 163 -12.09 -13.30 -4.17
CA ILE A 163 -10.81 -12.60 -4.30
C ILE A 163 -10.81 -11.34 -3.47
N PHE A 164 -11.95 -10.65 -3.39
CA PHE A 164 -12.00 -9.50 -2.50
C PHE A 164 -11.64 -9.89 -1.08
N ARG A 165 -12.28 -10.94 -0.57
CA ARG A 165 -12.04 -11.34 0.81
C ARG A 165 -10.58 -11.71 1.03
N THR A 166 -9.98 -12.40 0.06
CA THR A 166 -8.57 -12.75 0.16
C THR A 166 -7.69 -11.51 0.20
N LEU A 167 -7.91 -10.57 -0.73
CA LEU A 167 -7.07 -9.39 -0.77
C LEU A 167 -7.32 -8.49 0.43
N ALA A 168 -8.57 -8.42 0.90
CA ALA A 168 -8.88 -7.52 2.01
C ALA A 168 -8.26 -8.03 3.30
N VAL A 169 -8.31 -9.34 3.55
CA VAL A 169 -7.66 -9.91 4.72
C VAL A 169 -6.16 -9.74 4.62
N LEU A 170 -5.60 -10.01 3.44
CA LEU A 170 -4.17 -9.80 3.24
C LEU A 170 -3.78 -8.36 3.54
N THR A 171 -4.57 -7.42 3.02
CA THR A 171 -4.33 -6.01 3.26
C THR A 171 -4.39 -5.67 4.75
N ILE A 172 -5.44 -6.09 5.44
CA ILE A 172 -5.58 -5.74 6.85
C ILE A 172 -4.40 -6.29 7.65
N VAL A 173 -4.02 -7.55 7.42
CA VAL A 173 -2.92 -8.15 8.17
C VAL A 173 -1.62 -7.40 7.90
N LEU A 174 -1.30 -7.17 6.63
CA LEU A 174 -0.03 -6.55 6.30
C LEU A 174 0.01 -5.09 6.72
N TRP A 175 -1.07 -4.36 6.51
CA TRP A 175 -1.03 -2.93 6.81
C TRP A 175 -0.88 -2.68 8.30
N ILE A 176 -1.47 -3.54 9.14
CA ILE A 176 -1.28 -3.41 10.58
C ILE A 176 0.19 -3.55 10.95
N CYS A 177 0.98 -4.29 10.16
CA CYS A 177 2.39 -4.43 10.51
C CYS A 177 3.18 -3.14 10.34
N TYR A 178 2.73 -2.23 9.46
CA TYR A 178 3.55 -1.05 9.16
C TYR A 178 3.74 -0.15 10.36
N PRO A 179 2.70 0.25 11.10
CA PRO A 179 2.95 1.04 12.32
C PRO A 179 3.78 0.31 13.35
N ILE A 180 3.70 -1.04 13.40
CA ILE A 180 4.55 -1.79 14.32
C ILE A 180 6.01 -1.65 13.92
N VAL A 181 6.31 -1.83 12.62
CA VAL A 181 7.68 -1.65 12.16
C VAL A 181 8.16 -0.23 12.46
N TRP A 182 7.32 0.76 12.15
CA TRP A 182 7.62 2.15 12.47
C TRP A 182 7.99 2.29 13.94
N LEU A 183 7.22 1.65 14.82
CA LEU A 183 7.43 1.83 16.26
C LEU A 183 8.70 1.16 16.74
N ILE A 184 9.10 0.03 16.15
CA ILE A 184 10.33 -0.61 16.60
C ILE A 184 11.55 -0.04 15.89
N GLY A 185 11.36 0.61 14.74
CA GLY A 185 12.46 1.12 13.95
C GLY A 185 12.96 2.47 14.47
N THR A 186 13.70 3.15 13.59
CA THR A 186 14.40 4.37 13.99
C THR A 186 13.43 5.53 14.19
N GLU A 187 12.28 5.53 13.51
CA GLU A 187 11.29 6.58 13.70
C GLU A 187 10.65 6.49 15.09
N GLY A 188 10.61 5.30 15.67
CA GLY A 188 10.00 5.10 16.97
C GLY A 188 11.01 4.88 18.07
N PHE A 189 11.00 3.67 18.64
CA PHE A 189 11.80 3.38 19.82
C PHE A 189 13.24 2.99 19.50
N GLY A 190 13.52 2.61 18.25
CA GLY A 190 14.87 2.16 17.93
C GLY A 190 15.20 0.83 18.56
N ALA A 191 14.21 -0.07 18.69
CA ALA A 191 14.48 -1.40 19.22
C ALA A 191 15.23 -2.26 18.21
N VAL A 192 15.07 -1.98 16.92
CA VAL A 192 15.83 -2.65 15.88
C VAL A 192 16.62 -1.59 15.11
N SER A 193 17.62 -2.05 14.37
CA SER A 193 18.47 -1.17 13.59
C SER A 193 17.72 -0.68 12.35
N LEU A 194 18.24 0.41 11.77
CA LEU A 194 17.70 0.89 10.51
C LEU A 194 17.74 -0.18 9.43
N SER A 195 18.80 -0.99 9.40
CA SER A 195 18.86 -2.06 8.42
C SER A 195 17.71 -3.04 8.59
N VAL A 196 17.39 -3.41 9.83
CA VAL A 196 16.27 -4.31 10.08
C VAL A 196 14.96 -3.66 9.68
N GLU A 197 14.78 -2.39 10.07
CA GLU A 197 13.57 -1.65 9.68
C GLU A 197 13.37 -1.65 8.17
N VAL A 198 14.44 -1.38 7.42
CA VAL A 198 14.31 -1.32 5.96
C VAL A 198 13.96 -2.69 5.40
N PHE A 199 14.59 -3.75 5.92
CA PHE A 199 14.24 -5.10 5.53
C PHE A 199 12.75 -5.37 5.75
N LEU A 200 12.26 -5.03 6.93
CA LEU A 200 10.86 -5.34 7.25
C LEU A 200 9.91 -4.63 6.30
N PHE A 201 10.12 -3.33 6.08
CA PHE A 201 9.26 -2.62 5.14
C PHE A 201 9.38 -3.21 3.74
N MET A 202 10.57 -3.68 3.36
CA MET A 202 10.73 -4.28 2.04
CA MET A 202 10.76 -4.30 2.05
C MET A 202 9.90 -5.54 1.89
N VAL A 203 9.91 -6.40 2.91
CA VAL A 203 9.10 -7.63 2.84
C VAL A 203 7.63 -7.27 2.79
N LEU A 204 7.18 -6.38 3.68
CA LEU A 204 5.80 -5.92 3.66
C LEU A 204 5.43 -5.32 2.30
N ASP A 205 6.26 -4.42 1.79
CA ASP A 205 5.95 -3.78 0.52
C ASP A 205 5.77 -4.80 -0.60
N LEU A 206 6.66 -5.78 -0.68
CA LEU A 206 6.58 -6.75 -1.77
C LEU A 206 5.32 -7.59 -1.65
N LEU A 207 4.98 -8.00 -0.43
CA LEU A 207 3.75 -8.77 -0.23
C LEU A 207 2.51 -7.92 -0.49
N ALA A 208 2.48 -6.70 0.06
CA ALA A 208 1.31 -5.85 -0.04
C ALA A 208 1.09 -5.28 -1.43
N LYS A 209 2.09 -5.37 -2.32
CA LYS A 209 1.98 -4.84 -3.69
C LYS A 209 2.14 -5.93 -4.73
N VAL A 210 3.27 -6.66 -4.73
CA VAL A 210 3.44 -7.72 -5.72
C VAL A 210 2.61 -8.93 -5.36
N GLY A 211 2.58 -9.31 -4.08
CA GLY A 211 1.73 -10.42 -3.68
C GLY A 211 0.26 -10.11 -3.90
N PHE A 212 -0.19 -8.96 -3.40
CA PHE A 212 -1.52 -8.46 -3.70
C PHE A 212 -1.82 -8.48 -5.20
N GLY A 213 -0.93 -7.89 -6.00
CA GLY A 213 -1.22 -7.76 -7.42
C GLY A 213 -1.23 -9.09 -8.15
N LEU A 214 -0.35 -10.01 -7.76
CA LEU A 214 -0.37 -11.34 -8.35
C LEU A 214 -1.71 -12.04 -8.09
N LEU A 215 -2.19 -11.97 -6.85
CA LEU A 215 -3.48 -12.57 -6.51
C LEU A 215 -4.62 -11.91 -7.26
N LEU A 216 -4.61 -10.57 -7.34
CA LEU A 216 -5.68 -9.86 -8.03
C LEU A 216 -5.69 -10.21 -9.52
N LEU A 217 -4.56 -9.99 -10.20
CA LEU A 217 -4.53 -10.08 -11.65
C LEU A 217 -4.55 -11.52 -12.16
N SER A 218 -4.29 -12.50 -11.30
CA SER A 218 -4.45 -13.89 -11.68
C SER A 218 -5.88 -14.40 -11.51
N SER A 219 -6.76 -13.63 -10.85
CA SER A 219 -8.15 -14.02 -10.64
C SER A 219 -8.98 -13.66 -11.87
N ARG A 220 -8.71 -14.38 -12.96
CA ARG A 220 -9.30 -14.04 -14.25
C ARG A 220 -10.81 -14.25 -14.26
N GLN A 221 -11.30 -15.26 -13.54
CA GLN A 221 -12.74 -15.48 -13.47
C GLN A 221 -13.44 -14.29 -12.83
N ALA A 222 -12.89 -13.83 -11.70
CA ALA A 222 -13.46 -12.67 -11.02
C ALA A 222 -13.41 -11.44 -11.92
N LEU A 223 -12.25 -11.19 -12.53
CA LEU A 223 -12.12 -10.06 -13.45
C LEU A 223 -13.16 -10.14 -14.57
N SER A 224 -13.24 -11.29 -15.23
CA SER A 224 -14.20 -11.43 -16.32
C SER A 224 -15.64 -11.25 -15.83
N ASP A 225 -15.93 -11.71 -14.60
CA ASP A 225 -17.22 -11.45 -13.98
C ASP A 225 -17.51 -9.95 -13.96
N ILE A 226 -16.52 -9.16 -13.54
CA ILE A 226 -16.69 -7.71 -13.45
C ILE A 226 -16.72 -7.09 -14.85
N GLY A 227 -15.84 -7.57 -15.73
CA GLY A 227 -15.80 -7.00 -17.08
C GLY A 227 -17.08 -7.25 -17.86
N SER A 228 -17.70 -8.43 -17.66
CA SER A 228 -18.89 -8.77 -18.41
C SER A 228 -20.07 -7.86 -18.07
N GLY A 229 -20.15 -7.39 -16.83
CA GLY A 229 -21.24 -6.51 -16.42
C GLY A 229 -21.24 -5.17 -17.12
C2 MPG B . 1.50 18.67 16.78
C3 MPG B . 0.15 18.45 16.14
C4 MPG B . -0.83 17.74 17.03
C5 MPG B . -1.62 18.64 17.96
C6 MPG B . -2.84 19.28 17.33
C7 MPG B . -3.98 18.30 17.05
C8 MPG B . -5.22 18.94 16.49
C9 MPG B . -6.37 17.99 16.38
C10 MPG B . -7.06 17.69 15.31
C11 MPG B . -8.18 16.68 15.28
C12 MPG B . -9.49 17.20 14.78
C13 MPG B . -9.68 17.12 13.28
C14 MPG B . -11.06 17.52 12.82
C15 MPG B . -11.35 17.26 11.35
C16 MPG B . -12.77 17.61 10.95
C17 MPG B . -13.14 17.35 9.51
C18 MPG B . -14.55 17.76 9.15
O1 MPG B . 3.85 19.13 16.43
C1 MPG B . 2.55 19.13 15.80
CXD MPG B . 6.19 19.53 16.48
O2 MPG B . 6.00 19.07 17.80
C21 MPG B . 6.76 20.94 16.45
O3 MPG B . 8.00 20.96 17.15
O4 MPG B . 4.86 19.70 14.50
CX3 MPG B . 4.90 19.46 15.68
C2 MPG C . -17.77 -3.23 11.68
C3 MPG C . -16.82 -2.72 12.73
C4 MPG C . -15.37 -2.82 12.32
C5 MPG C . -14.39 -2.18 13.28
C6 MPG C . -13.00 -2.02 12.71
C7 MPG C . -12.04 -1.21 13.59
C8 MPG C . -11.51 -1.95 14.78
C9 MPG C . -10.70 -1.08 15.69
C10 MPG C . -9.42 -1.16 15.95
C11 MPG C . -8.41 -2.09 15.37
C12 MPG C . -7.31 -1.36 14.66
C13 MPG C . -5.93 -1.96 14.85
C14 MPG C . -4.82 -1.00 14.49
C15 MPG C . -3.48 -1.36 15.09
C16 MPG C . -2.50 -0.20 15.12
C17 MPG C . -1.21 -0.49 15.84
C18 MPG C . -0.32 0.71 16.00
C2 MPG D . 7.07 7.24 19.55
C3 MPG D . 5.58 7.51 19.62
C4 MPG D . 4.81 6.43 20.36
C5 MPG D . 3.33 6.67 20.41
C6 MPG D . 2.58 5.81 21.40
C7 MPG D . 2.63 4.31 21.12
C8 MPG D . 3.42 3.52 22.12
C9 MPG D . 3.24 2.04 21.97
C10 MPG D . 3.85 1.08 22.62
C11 MPG D . 4.85 1.20 23.73
C12 MPG D . 4.51 0.33 24.91
C13 MPG D . 5.54 0.28 26.02
C14 MPG D . 6.66 -0.72 25.82
C15 MPG D . 7.72 -0.30 24.83
C2 MPG E . 21.20 11.30 -15.12
C3 MPG E . 21.39 9.88 -15.52
C4 MPG E . 20.32 8.96 -14.97
C5 MPG E . 20.59 7.50 -15.16
C6 MPG E . 19.49 6.61 -14.64
C7 MPG E . 19.70 5.12 -14.89
C8 MPG E . 18.45 4.32 -14.66
C9 MPG E . 17.34 4.78 -15.54
C10 MPG E . 16.09 4.39 -15.50
C11 MPG E . 15.45 3.47 -14.51
C12 MPG E . 14.11 2.99 -14.97
C13 MPG E . 13.37 2.07 -14.01
C14 MPG E . 12.74 2.78 -12.83
C15 MPG E . 11.34 2.29 -12.52
C16 MPG E . 10.32 2.67 -13.55
C17 MPG E . 8.99 1.96 -13.48
C18 MPG E . 9.07 0.50 -13.82
O1 MPG E . 23.44 11.04 -14.47
C1 MPG E . 22.49 12.02 -14.95
CXD MPG E . 25.66 10.39 -13.98
O2 MPG E . 25.28 9.31 -13.13
C21 MPG E . 27.07 10.87 -13.68
O3 MPG E . 27.31 10.85 -12.28
O4 MPG E . 24.81 12.60 -13.57
CX3 MPG E . 24.61 11.49 -13.99
C4 MPG F . -14.44 -8.90 8.34
C5 MPG F . -13.20 -9.75 8.21
C6 MPG F . -12.00 -9.21 8.96
C7 MPG F . -10.73 -10.03 8.78
C8 MPG F . -9.59 -9.56 9.64
C9 MPG F . -8.32 -10.32 9.45
C10 MPG F . -7.26 -10.17 10.21
C11 MPG F . -7.21 -9.22 11.37
C12 MPG F . -6.03 -9.40 12.26
C13 MPG F . -4.71 -8.91 11.69
C14 MPG F . -3.55 -9.13 12.63
C15 MPG F . -2.24 -8.50 12.22
C16 MPG F . -1.12 -8.76 13.20
C17 MPG F . 0.17 -8.04 12.98
C18 MPG F . 1.21 -8.31 14.04
C2 MPG G . 16.17 -9.77 11.50
C3 MPG G . 15.12 -10.85 11.45
C4 MPG G . 13.82 -10.42 10.81
C5 MPG G . 12.77 -11.51 10.87
C6 MPG G . 11.75 -11.50 9.76
C7 MPG G . 10.42 -10.85 10.10
C8 MPG G . 9.31 -11.21 9.15
C9 MPG G . 9.63 -10.96 7.72
O1 MPG G . 18.44 -9.22 12.13
C1 MPG G . 17.51 -10.31 11.93
CXD MPG G . 20.56 -8.34 12.74
O2 MPG G . 21.90 -8.73 12.98
C21 MPG G . 20.00 -7.54 13.91
O3 MPG G . 20.81 -6.39 14.12
O4 MPG G . 20.15 -10.67 12.40
CX3 MPG G . 19.70 -9.55 12.41
C3 MPG H . -2.97 -15.09 9.34
C4 MPG H . -4.21 -14.28 9.63
C5 MPG H . -5.38 -14.58 8.72
C6 MPG H . -5.93 -15.97 8.87
C7 MPG H . -6.22 -16.69 7.55
C8 MPG H . -5.01 -16.94 6.72
C9 MPG H . -5.29 -17.74 5.49
C14 MPG I . -4.92 10.31 -4.17
C15 MPG I . -3.70 11.17 -4.34
C16 MPG I . -3.18 11.79 -3.06
C17 MPG I . -2.01 12.71 -3.26
C18 MPG I . -1.44 13.24 -1.97
C14 MPG J . -4.04 -14.49 2.80
C15 MPG J . -4.44 -14.02 4.17
C16 MPG J . -3.48 -13.05 4.82
C17 MPG J . -2.09 -13.59 5.03
C18 MPG J . -1.16 -12.64 5.75
C15 MPG K . 0.96 -13.89 -2.95
C16 MPG K . 1.21 -14.29 -1.51
C17 MPG K . 0.97 -13.19 -0.51
C18 MPG K . 1.28 -13.61 0.91
C2 MPG L . 10.75 -11.69 0.54
C3 MPG L . 12.14 -11.42 0.05
C4 MPG L . 13.20 -11.64 1.12
C1 MPG L . 9.70 -11.51 -0.53
C8 MPG M . 0.39 -5.14 18.41
C9 MPG M . -0.60 -5.22 17.28
C10 MPG M . -1.89 -5.08 17.39
C11 MPG M . -2.87 -5.01 16.25
C12 MPG M . -4.02 -5.97 16.37
C13 MPG M . -5.35 -5.34 16.01
C14 MPG M . -6.26 -6.19 15.17
C15 MPG M . -7.36 -5.40 14.49
C16 MPG M . -8.23 -6.20 13.57
C17 MPG M . -9.20 -5.35 12.78
C18 MPG M . -10.14 -6.13 11.89
C13 MPG N . 9.95 9.85 -4.26
C14 MPG N . 10.03 8.90 -5.41
C15 MPG N . 8.86 7.94 -5.53
C16 MPG N . 7.60 8.55 -6.10
C17 MPG N . 7.66 8.84 -7.57
C18 MPG N . 6.41 9.47 -8.13
C2 MPG O . -19.21 19.15 -2.88
C3 MPG O . -20.47 18.46 -2.42
C4 MPG O . -20.37 16.95 -2.38
C5 MPG O . -19.38 16.41 -1.36
C6 MPG O . -19.54 14.93 -1.10
C7 MPG O . -18.59 14.36 -0.06
C8 MPG O . -17.15 14.32 -0.48
C9 MPG O . -16.25 13.70 0.54
C10 MPG O . -15.30 14.34 1.17
C11 MPG O . -14.35 13.80 2.19
C12 MPG O . -12.91 14.08 1.88
C13 MPG O . -12.62 15.54 1.55
C14 MPG O . -11.18 15.85 1.29
C15 MPG O . -10.30 15.82 2.52
C16 MPG O . -8.84 16.09 2.24
C17 MPG O . -7.94 16.07 3.45
C18 MPG O . -6.47 16.21 3.10
C1 MPG O . -18.87 18.89 -4.32
C5 MPG P . 4.93 -1.92 19.24
C6 MPG P . 5.98 -2.06 20.33
C7 MPG P . 7.02 -0.95 20.34
C8 MPG P . 8.08 -1.13 21.38
C7 MPG Q . 24.84 -3.48 9.02
C8 MPG Q . 23.90 -4.18 9.96
C9 MPG Q . 23.40 -5.50 9.44
C10 MPG Q . 22.14 -5.82 9.31
C11 MPG Q . 21.59 -7.15 8.90
C12 MPG Q . 20.08 -7.18 8.82
C13 MPG Q . 19.50 -8.55 8.50
C14 MPG Q . 17.99 -8.57 8.41
C15 MPG Q . 17.41 -9.95 8.17
C16 MPG Q . 17.75 -10.58 6.86
C17 MPG Q . 17.13 -11.94 6.63
C18 MPG Q . 17.33 -12.49 5.24
C1 RET R . 2.65 4.74 9.50
C2 RET R . 3.16 5.46 10.76
C3 RET R . 2.08 6.16 11.56
C4 RET R . 0.96 5.22 11.94
C5 RET R . 0.55 4.28 10.81
C6 RET R . 1.25 4.13 9.68
C7 RET R . 0.79 3.21 8.67
C8 RET R . 1.24 2.96 7.41
C9 RET R . 0.77 2.03 6.41
C10 RET R . 1.50 1.83 5.30
C11 RET R . 1.21 0.96 4.20
C12 RET R . 2.02 0.92 3.15
C13 RET R . 1.87 0.11 1.96
C14 RET R . 2.73 0.29 0.94
C15 RET R . 2.74 -0.37 -0.34
C16 RET R . 2.65 5.78 8.37
C17 RET R . 3.73 3.68 9.19
C18 RET R . -0.82 3.69 11.04
C19 RET R . -0.51 1.29 6.69
C20 RET R . 0.71 -0.85 1.91
S SO4 S . -21.75 6.44 -0.92
O1 SO4 S . -21.53 6.09 0.48
O2 SO4 S . -20.58 7.07 -1.51
O3 SO4 S . -22.09 5.22 -1.65
O4 SO4 S . -22.88 7.38 -1.02
S SO4 T . -10.97 -1.79 -20.20
O1 SO4 T . -10.34 -1.42 -18.93
O2 SO4 T . -10.39 -0.99 -21.28
O3 SO4 T . -10.75 -3.20 -20.47
O4 SO4 T . -12.41 -1.52 -20.12
#